data_4CND
#
_entry.id   4CND
#
_cell.length_a   42.400
_cell.length_b   73.030
_cell.length_c   53.330
_cell.angle_alpha   90.00
_cell.angle_beta   105.13
_cell.angle_gamma   90.00
#
_symmetry.space_group_name_H-M   'P 1 21 1'
#
loop_
_entity.id
_entity.type
_entity.pdbx_description
1 polymer "TRNA (CYTIDINE/URIDINE-2'-O-)-METHYLTRANSFERASE TRMJ"
2 non-polymer DI(HYDROXYETHYL)ETHER
3 water water
#
_entity_poly.entity_id   1
_entity_poly.type   'polypeptide(L)'
_entity_poly.pdbx_seq_one_letter_code
;MRGSHHHHHHTDPALRALQNIRIVLVETSHTGNMGSVARAMKTMGLTNLWLVNPLVKPDSQAIALAAGASDVIGNAHIVD
TLDEALAGCSLVVGTSARSRTLPWPMLDPRECGLKSVAEAANTPVALVFGRERVGLTNEELQKCHYHVAIAANPEYSSLN
LAMAVQVIAYEVRMAWLATQENGEQVEHEETPYPLVDDLERFYGHLEQTLLATGFIRENHPGQVMNKLRRLFTRARPESQ
ELNILRGILASIEQQNKGNKAEGLCGR
;
_entity_poly.pdbx_strand_id   A,B
#
# COMPACT_ATOMS: atom_id res chain seq x y z
N ASP A 12 -9.29 -0.72 18.30
CA ASP A 12 -8.38 0.24 17.73
C ASP A 12 -8.53 1.57 18.39
N PRO A 13 -7.48 2.11 18.96
CA PRO A 13 -7.60 3.45 19.51
C PRO A 13 -7.82 4.57 18.46
N ALA A 14 -7.68 4.23 17.20
CA ALA A 14 -7.94 5.18 16.09
C ALA A 14 -9.38 5.20 15.60
N LEU A 15 -10.19 4.25 16.07
CA LEU A 15 -11.51 4.01 15.52
C LEU A 15 -12.35 5.28 15.39
N ARG A 16 -12.41 6.04 16.48
CA ARG A 16 -13.25 7.25 16.54
C ARG A 16 -12.72 8.43 15.71
N ALA A 17 -11.39 8.60 15.69
CA ALA A 17 -10.76 9.66 14.90
C ALA A 17 -10.92 9.37 13.40
N LEU A 18 -10.99 8.09 13.04
CA LEU A 18 -11.02 7.71 11.60
C LEU A 18 -12.36 7.27 10.99
N GLN A 19 -13.35 7.05 11.85
CA GLN A 19 -14.66 6.60 11.41
C GLN A 19 -15.36 7.67 10.58
N ASN A 20 -14.93 8.89 10.55
CA ASN A 20 -15.50 9.99 9.82
C ASN A 20 -14.96 10.02 8.38
N ILE A 21 -13.96 9.20 8.09
CA ILE A 21 -13.26 9.28 6.79
C ILE A 21 -13.82 8.16 5.95
N ARG A 22 -14.52 8.54 4.91
CA ARG A 22 -15.18 7.61 3.99
C ARG A 22 -14.18 7.30 2.89
N ILE A 23 -14.16 6.03 2.51
CA ILE A 23 -13.47 5.62 1.31
C ILE A 23 -14.55 5.31 0.29
N VAL A 24 -14.56 6.01 -0.81
CA VAL A 24 -15.65 5.98 -1.79
C VAL A 24 -15.09 5.35 -3.06
N LEU A 25 -15.61 4.18 -3.46
CA LEU A 25 -15.22 3.58 -4.73
C LEU A 25 -16.27 3.80 -5.81
N VAL A 26 -15.90 4.43 -6.92
CA VAL A 26 -16.84 4.76 -7.96
C VAL A 26 -16.83 3.65 -9.02
N GLU A 27 -17.98 2.98 -9.17
CA GLU A 27 -18.23 2.03 -10.26
C GLU A 27 -17.13 0.98 -10.41
N THR A 28 -16.78 0.36 -9.30
CA THR A 28 -15.79 -0.73 -9.28
C THR A 28 -16.27 -1.87 -10.19
N SER A 29 -15.37 -2.33 -11.06
CA SER A 29 -15.64 -3.43 -12.04
C SER A 29 -15.45 -4.82 -11.48
N HIS A 30 -14.47 -5.01 -10.60
CA HIS A 30 -14.11 -6.33 -10.09
C HIS A 30 -14.38 -6.40 -8.60
N THR A 31 -15.34 -7.27 -8.21
CA THR A 31 -15.75 -7.35 -6.84
C THR A 31 -14.58 -7.76 -5.93
N GLY A 32 -13.63 -8.53 -6.42
CA GLY A 32 -12.45 -8.81 -5.65
C GLY A 32 -11.72 -7.58 -5.16
N ASN A 33 -11.64 -6.57 -6.00
CA ASN A 33 -11.06 -5.30 -5.58
C ASN A 33 -11.85 -4.64 -4.45
N MET A 34 -13.15 -4.79 -4.40
CA MET A 34 -13.89 -4.28 -3.25
C MET A 34 -13.36 -4.93 -1.97
N GLY A 35 -13.19 -6.25 -2.00
CA GLY A 35 -12.67 -6.95 -0.85
C GLY A 35 -11.24 -6.55 -0.46
N SER A 36 -10.34 -6.49 -1.44
CA SER A 36 -8.99 -6.04 -1.16
C SER A 36 -8.96 -4.65 -0.56
N VAL A 37 -9.81 -3.75 -1.07
CA VAL A 37 -9.95 -2.42 -0.45
C VAL A 37 -10.40 -2.51 0.98
N ALA A 38 -11.43 -3.31 1.28
CA ALA A 38 -11.93 -3.41 2.62
C ALA A 38 -10.83 -3.85 3.58
N ARG A 39 -10.04 -4.85 3.16
CA ARG A 39 -8.87 -5.28 3.96
C ARG A 39 -7.78 -4.22 4.14
N ALA A 40 -7.43 -3.52 3.05
CA ALA A 40 -6.45 -2.43 3.09
C ALA A 40 -6.89 -1.35 4.06
N MET A 41 -8.18 -1.00 4.00
CA MET A 41 -8.79 -0.07 4.91
C MET A 41 -8.70 -0.50 6.36
N LYS A 42 -9.19 -1.70 6.66
CA LYS A 42 -9.38 -2.11 8.03
C LYS A 42 -8.03 -2.26 8.73
N THR A 43 -7.01 -2.69 7.97
CA THR A 43 -5.66 -2.77 8.57
C THR A 43 -5.14 -1.42 9.03
N MET A 44 -5.57 -0.33 8.39
CA MET A 44 -5.23 1.03 8.82
C MET A 44 -6.23 1.73 9.69
N GLY A 45 -7.22 0.98 10.14
CA GLY A 45 -8.25 1.49 10.99
C GLY A 45 -9.44 2.16 10.34
N LEU A 46 -9.46 2.24 9.02
CA LEU A 46 -10.61 2.83 8.30
C LEU A 46 -11.69 1.76 8.13
N THR A 47 -12.92 2.13 8.39
CA THR A 47 -14.04 1.14 8.42
C THR A 47 -15.28 1.59 7.64
N ASN A 48 -15.24 2.79 7.05
CA ASN A 48 -16.43 3.37 6.40
C ASN A 48 -16.27 3.35 4.87
N LEU A 49 -16.84 2.32 4.22
CA LEU A 49 -16.75 2.13 2.78
C LEU A 49 -18.07 2.51 2.10
N TRP A 50 -17.99 3.30 1.05
CA TRP A 50 -19.13 3.62 0.18
C TRP A 50 -18.83 3.17 -1.24
N LEU A 51 -19.80 2.48 -1.83
CA LEU A 51 -19.72 2.00 -3.21
C LEU A 51 -20.73 2.75 -4.01
N VAL A 52 -20.27 3.43 -5.05
CA VAL A 52 -21.14 4.17 -5.93
C VAL A 52 -21.38 3.35 -7.19
N ASN A 53 -22.63 2.93 -7.39
CA ASN A 53 -23.07 2.22 -8.60
C ASN A 53 -22.14 1.11 -9.08
N PRO A 54 -21.69 0.20 -8.19
CA PRO A 54 -20.79 -0.86 -8.61
C PRO A 54 -21.36 -1.76 -9.71
N LEU A 55 -20.51 -2.27 -10.59
CA LEU A 55 -21.00 -3.03 -11.73
C LEU A 55 -21.89 -4.20 -11.20
N VAL A 56 -21.37 -4.91 -10.20
CA VAL A 56 -22.07 -5.99 -9.51
C VAL A 56 -21.86 -5.74 -8.02
N LYS A 57 -22.87 -5.98 -7.19
CA LYS A 57 -22.77 -5.79 -5.73
C LYS A 57 -21.83 -6.80 -5.08
N PRO A 58 -21.29 -6.48 -3.90
CA PRO A 58 -20.33 -7.41 -3.34
C PRO A 58 -20.83 -8.83 -3.23
N ASP A 59 -19.98 -9.74 -3.64
CA ASP A 59 -20.36 -11.16 -3.72
C ASP A 59 -19.39 -12.01 -2.90
N SER A 60 -19.38 -13.34 -3.11
CA SER A 60 -18.47 -14.19 -2.36
C SER A 60 -16.98 -13.92 -2.58
N GLN A 61 -16.62 -13.48 -3.78
CA GLN A 61 -15.25 -13.12 -4.04
C GLN A 61 -14.89 -11.87 -3.28
N ALA A 62 -15.77 -10.91 -3.23
CA ALA A 62 -15.44 -9.68 -2.46
C ALA A 62 -15.25 -10.08 -0.97
N ILE A 63 -16.11 -10.94 -0.46
CA ILE A 63 -16.06 -11.36 0.93
C ILE A 63 -14.78 -12.13 1.17
N ALA A 64 -14.40 -12.95 0.19
CA ALA A 64 -13.19 -13.74 0.32
C ALA A 64 -11.94 -12.86 0.39
N LEU A 65 -11.80 -11.92 -0.53
CA LEU A 65 -10.60 -11.06 -0.53
C LEU A 65 -10.57 -10.08 0.67
N ALA A 66 -11.74 -9.78 1.25
CA ALA A 66 -11.83 -8.96 2.45
C ALA A 66 -11.23 -9.66 3.67
N ALA A 67 -11.25 -10.98 3.62
CA ALA A 67 -10.70 -11.82 4.71
C ALA A 67 -11.29 -11.38 6.07
N GLY A 68 -10.46 -10.98 7.02
CA GLY A 68 -10.96 -10.52 8.33
C GLY A 68 -11.68 -9.19 8.37
N ALA A 69 -11.73 -8.52 7.22
CA ALA A 69 -12.43 -7.24 7.08
C ALA A 69 -13.75 -7.38 6.34
N SER A 70 -14.34 -8.58 6.33
CA SER A 70 -15.65 -8.76 5.73
C SER A 70 -16.77 -7.92 6.37
N ASP A 71 -16.57 -7.48 7.62
CA ASP A 71 -17.50 -6.54 8.25
C ASP A 71 -17.51 -5.18 7.57
N VAL A 72 -16.35 -4.76 7.09
CA VAL A 72 -16.30 -3.55 6.28
C VAL A 72 -17.12 -3.64 5.00
N ILE A 73 -17.10 -4.80 4.34
CA ILE A 73 -17.99 -5.00 3.19
C ILE A 73 -19.46 -5.02 3.62
N GLY A 74 -19.70 -5.79 4.67
CA GLY A 74 -21.05 -5.95 5.20
C GLY A 74 -21.74 -4.64 5.48
N ASN A 75 -20.97 -3.71 6.07
CA ASN A 75 -21.44 -2.40 6.53
C ASN A 75 -21.34 -1.29 5.45
N ALA A 76 -20.90 -1.65 4.25
CA ALA A 76 -20.69 -0.69 3.17
C ALA A 76 -22.01 -0.03 2.82
N HIS A 77 -21.93 1.26 2.50
CA HIS A 77 -23.02 1.96 1.88
C HIS A 77 -22.97 1.79 0.38
N ILE A 78 -24.10 1.47 -0.23
CA ILE A 78 -24.18 1.28 -1.67
C ILE A 78 -25.21 2.27 -2.13
N VAL A 79 -24.79 3.14 -3.03
CA VAL A 79 -25.60 4.27 -3.52
C VAL A 79 -25.45 4.39 -5.01
N ASP A 80 -26.44 5.01 -5.65
CA ASP A 80 -26.46 5.07 -7.10
C ASP A 80 -25.59 6.18 -7.67
N THR A 81 -25.42 7.24 -6.90
CA THR A 81 -24.78 8.47 -7.36
C THR A 81 -23.62 8.90 -6.43
N LEU A 82 -22.68 9.62 -7.03
CA LEU A 82 -21.58 10.17 -6.26
C LEU A 82 -22.03 11.23 -5.30
N ASP A 83 -22.93 12.08 -5.77
CA ASP A 83 -23.45 13.12 -4.86
C ASP A 83 -23.93 12.54 -3.51
N GLU A 84 -24.60 11.39 -3.54
CA GLU A 84 -25.08 10.77 -2.30
C GLU A 84 -23.94 10.38 -1.36
N ALA A 85 -22.84 9.91 -1.96
CA ALA A 85 -21.69 9.51 -1.16
C ALA A 85 -20.92 10.69 -0.58
N LEU A 86 -21.12 11.88 -1.16
CA LEU A 86 -20.41 13.08 -0.75
C LEU A 86 -21.24 13.93 0.19
N ALA A 87 -22.55 13.63 0.27
CA ALA A 87 -23.46 14.48 1.04
C ALA A 87 -22.98 14.54 2.47
N GLY A 88 -22.86 15.75 3.03
CA GLY A 88 -22.38 15.90 4.40
C GLY A 88 -20.87 16.00 4.59
N CYS A 89 -20.11 15.79 3.52
CA CYS A 89 -18.69 15.88 3.68
C CYS A 89 -18.19 17.30 3.42
N SER A 90 -17.28 17.75 4.27
CA SER A 90 -16.70 19.04 4.10
C SER A 90 -15.44 19.07 3.22
N LEU A 91 -14.81 17.92 3.11
CA LEU A 91 -13.59 17.82 2.37
C LEU A 91 -13.68 16.52 1.50
N VAL A 92 -13.51 16.73 0.20
CA VAL A 92 -13.61 15.68 -0.81
C VAL A 92 -12.29 15.70 -1.61
N VAL A 93 -11.61 14.54 -1.59
CA VAL A 93 -10.33 14.39 -2.32
C VAL A 93 -10.50 13.23 -3.28
N GLY A 94 -10.16 13.47 -4.53
CA GLY A 94 -10.29 12.41 -5.55
C GLY A 94 -8.93 12.05 -6.13
N THR A 95 -8.76 10.80 -6.55
CA THR A 95 -7.50 10.38 -7.17
C THR A 95 -7.46 10.91 -8.58
N SER A 96 -6.38 11.63 -8.93
CA SER A 96 -6.16 12.11 -10.31
C SER A 96 -4.75 12.65 -10.39
N ALA A 97 -4.11 12.45 -11.53
CA ALA A 97 -2.92 13.18 -11.84
C ALA A 97 -3.21 14.68 -12.02
N ARG A 98 -2.16 15.50 -11.90
CA ARG A 98 -2.24 16.93 -12.13
C ARG A 98 -2.57 17.21 -13.58
N SER A 99 -3.23 18.34 -13.82
CA SER A 99 -3.56 18.85 -15.17
C SER A 99 -3.02 20.24 -15.37
N ARG A 100 -2.31 20.46 -16.48
CA ARG A 100 -1.77 21.80 -16.74
C ARG A 100 -2.82 22.73 -17.33
N THR A 101 -3.80 22.12 -18.00
CA THR A 101 -4.84 22.84 -18.69
C THR A 101 -6.16 23.03 -17.89
N LEU A 102 -6.48 22.15 -16.92
CA LEU A 102 -7.61 22.38 -15.99
C LEU A 102 -7.06 22.17 -14.60
N PRO A 103 -6.18 23.08 -14.19
CA PRO A 103 -5.56 22.83 -12.92
C PRO A 103 -6.52 22.74 -11.74
N TRP A 104 -6.14 21.85 -10.85
CA TRP A 104 -6.78 21.60 -9.60
C TRP A 104 -5.74 21.67 -8.47
N PRO A 105 -6.14 22.00 -7.23
CA PRO A 105 -5.18 22.00 -6.14
C PRO A 105 -4.80 20.54 -5.83
N MET A 106 -3.51 20.29 -5.67
CA MET A 106 -3.01 18.92 -5.58
C MET A 106 -2.48 18.54 -4.22
N LEU A 107 -2.78 17.31 -3.79
CA LEU A 107 -2.21 16.68 -2.64
C LEU A 107 -1.39 15.49 -3.09
N ASP A 108 -0.39 15.13 -2.30
CA ASP A 108 0.16 13.77 -2.37
C ASP A 108 -0.46 12.94 -1.21
N PRO A 109 -0.18 11.63 -1.16
CA PRO A 109 -0.82 10.86 -0.10
C PRO A 109 -0.50 11.39 1.29
N ARG A 110 0.75 11.77 1.53
CA ARG A 110 1.19 12.25 2.83
C ARG A 110 0.39 13.51 3.25
N GLU A 111 0.29 14.47 2.35
CA GLU A 111 -0.52 15.67 2.67
C GLU A 111 -2.00 15.38 2.77
N CYS A 112 -2.48 14.44 1.97
CA CYS A 112 -3.87 14.01 2.06
C CYS A 112 -4.14 13.40 3.43
N GLY A 113 -3.24 12.63 3.97
CA GLY A 113 -3.40 12.02 5.26
C GLY A 113 -3.52 13.07 6.33
N LEU A 114 -2.58 13.98 6.32
CA LEU A 114 -2.56 15.13 7.27
C LEU A 114 -3.87 15.89 7.21
N LYS A 115 -4.26 16.31 6.01
CA LYS A 115 -5.48 17.10 5.85
C LYS A 115 -6.74 16.37 6.22
N SER A 116 -6.81 15.10 5.87
CA SER A 116 -7.95 14.28 6.17
C SER A 116 -8.16 14.14 7.66
N VAL A 117 -7.08 13.84 8.36
CA VAL A 117 -7.19 13.65 9.81
C VAL A 117 -7.56 14.95 10.50
N ALA A 118 -6.93 16.05 10.04
CA ALA A 118 -7.24 17.40 10.60
C ALA A 118 -8.73 17.75 10.42
N GLU A 119 -9.24 17.49 9.24
CA GLU A 119 -10.65 17.74 8.94
C GLU A 119 -11.57 16.84 9.72
N ALA A 120 -11.25 15.55 9.73
CA ALA A 120 -12.14 14.58 10.35
C ALA A 120 -12.29 14.72 11.87
N ALA A 121 -11.46 15.56 12.51
CA ALA A 121 -11.65 15.90 13.92
C ALA A 121 -12.96 16.63 14.08
N ASN A 122 -13.46 17.22 12.99
CA ASN A 122 -14.70 17.96 13.03
C ASN A 122 -15.84 17.38 12.21
N THR A 123 -15.57 16.97 10.96
CA THR A 123 -16.62 16.73 10.03
C THR A 123 -16.23 15.61 9.05
N PRO A 124 -17.19 15.02 8.36
CA PRO A 124 -16.87 13.89 7.47
C PRO A 124 -16.01 14.28 6.26
N VAL A 125 -15.18 13.32 5.87
CA VAL A 125 -14.26 13.47 4.73
C VAL A 125 -14.51 12.32 3.77
N ALA A 126 -14.45 12.63 2.48
CA ALA A 126 -14.55 11.59 1.43
C ALA A 126 -13.22 11.55 0.69
N LEU A 127 -12.75 10.29 0.57
CA LEU A 127 -11.54 10.01 -0.28
C LEU A 127 -12.10 9.12 -1.38
N VAL A 128 -12.10 9.68 -2.59
CA VAL A 128 -12.83 9.12 -3.73
C VAL A 128 -11.79 8.49 -4.70
N PHE A 129 -12.06 7.23 -5.08
CA PHE A 129 -11.24 6.43 -5.98
C PHE A 129 -12.07 6.03 -7.16
N GLY A 130 -11.47 6.00 -8.33
CA GLY A 130 -12.28 5.65 -9.49
C GLY A 130 -12.17 4.22 -9.95
N ARG A 131 -12.57 4.03 -11.21
CA ARG A 131 -12.76 2.71 -11.83
C ARG A 131 -11.42 2.13 -12.14
N GLU A 132 -11.32 0.81 -12.06
CA GLU A 132 -10.08 0.13 -12.52
C GLU A 132 -9.77 0.66 -13.94
N ARG A 133 -8.51 0.96 -14.21
CA ARG A 133 -8.06 1.51 -15.50
C ARG A 133 -8.50 2.93 -15.82
N VAL A 134 -9.81 3.19 -15.80
CA VAL A 134 -10.36 4.40 -16.34
C VAL A 134 -10.27 5.58 -15.36
N GLY A 135 -10.43 5.27 -14.09
CA GLY A 135 -10.37 6.31 -13.04
C GLY A 135 -11.71 6.99 -12.86
N LEU A 136 -11.61 8.27 -12.49
CA LEU A 136 -12.77 9.13 -12.33
C LEU A 136 -13.00 9.99 -13.55
N THR A 137 -14.27 10.26 -13.83
CA THR A 137 -14.57 11.14 -14.94
C THR A 137 -14.39 12.61 -14.61
N ASN A 138 -14.40 13.46 -15.62
CA ASN A 138 -14.20 14.92 -15.37
C ASN A 138 -15.32 15.45 -14.51
N GLU A 139 -16.54 14.97 -14.73
CA GLU A 139 -17.69 15.43 -13.95
C GLU A 139 -17.50 15.10 -12.46
N GLU A 140 -16.97 13.92 -12.21
CA GLU A 140 -16.70 13.46 -10.83
C GLU A 140 -15.58 14.24 -10.19
N LEU A 141 -14.50 14.37 -10.94
CA LEU A 141 -13.30 15.11 -10.47
C LEU A 141 -13.66 16.57 -10.09
N GLN A 142 -14.61 17.17 -10.82
CA GLN A 142 -14.95 18.56 -10.56
C GLN A 142 -15.75 18.70 -9.22
N LYS A 143 -16.21 17.60 -8.66
CA LYS A 143 -16.88 17.59 -7.32
C LYS A 143 -15.88 17.41 -6.16
N CYS A 144 -14.58 17.35 -6.48
CA CYS A 144 -13.56 17.22 -5.48
C CYS A 144 -12.95 18.56 -5.17
N HIS A 145 -12.61 18.76 -3.90
CA HIS A 145 -11.87 19.94 -3.49
C HIS A 145 -10.42 19.92 -3.87
N TYR A 146 -9.82 18.70 -3.79
CA TYR A 146 -8.40 18.49 -4.12
C TYR A 146 -8.35 17.21 -4.93
N HIS A 147 -7.30 17.10 -5.72
CA HIS A 147 -6.96 15.79 -6.33
C HIS A 147 -5.67 15.29 -5.71
N VAL A 148 -5.59 13.97 -5.52
CA VAL A 148 -4.41 13.35 -4.94
C VAL A 148 -3.75 12.48 -5.98
N ALA A 149 -2.45 12.71 -6.11
CA ALA A 149 -1.58 12.07 -7.06
C ALA A 149 -0.50 11.38 -6.21
N ILE A 150 -0.16 10.18 -6.63
CA ILE A 150 0.83 9.36 -5.94
C ILE A 150 2.09 9.40 -6.81
N ALA A 151 3.17 9.99 -6.29
CA ALA A 151 4.40 10.07 -7.04
C ALA A 151 4.98 8.66 -7.40
N ALA A 152 5.24 8.40 -8.68
CA ALA A 152 5.49 7.04 -9.14
C ALA A 152 6.53 7.07 -10.24
N ASN A 153 7.05 5.88 -10.56
CA ASN A 153 7.87 5.60 -11.75
C ASN A 153 7.18 6.17 -12.99
N PRO A 154 7.83 7.15 -13.64
CA PRO A 154 7.22 7.73 -14.83
C PRO A 154 7.03 6.72 -15.97
N GLU A 155 7.79 5.64 -15.92
CA GLU A 155 7.63 4.54 -16.88
C GLU A 155 6.39 3.67 -16.57
N TYR A 156 5.89 3.74 -15.34
CA TYR A 156 4.90 2.77 -14.90
C TYR A 156 4.14 3.32 -13.70
N SER A 157 3.19 4.20 -13.96
CA SER A 157 2.86 5.25 -12.96
C SER A 157 1.46 5.05 -12.39
N SER A 158 0.77 4.02 -12.83
CA SER A 158 -0.60 3.82 -12.36
C SER A 158 -0.65 2.66 -11.36
N LEU A 159 -1.04 2.98 -10.13
CA LEU A 159 -1.26 1.92 -9.15
C LEU A 159 -2.64 1.26 -9.35
N ASN A 160 -2.73 -0.06 -9.15
CA ASN A 160 -3.97 -0.85 -8.95
C ASN A 160 -4.85 -0.14 -7.94
N LEU A 161 -6.15 -0.19 -8.16
CA LEU A 161 -7.08 0.38 -7.23
C LEU A 161 -6.82 0.08 -5.75
N ALA A 162 -6.66 -1.17 -5.37
CA ALA A 162 -6.59 -1.48 -3.94
C ALA A 162 -5.22 -1.01 -3.40
N MET A 163 -4.24 -0.97 -4.27
CA MET A 163 -2.93 -0.50 -3.85
C MET A 163 -2.91 1.00 -3.64
N ALA A 164 -3.67 1.71 -4.45
CA ALA A 164 -3.82 3.14 -4.24
C ALA A 164 -4.53 3.40 -2.92
N VAL A 165 -5.56 2.64 -2.63
CA VAL A 165 -6.24 2.78 -1.35
C VAL A 165 -5.27 2.43 -0.22
N GLN A 166 -4.51 1.33 -0.39
CA GLN A 166 -3.58 0.91 0.67
C GLN A 166 -2.58 2.05 1.03
N VAL A 167 -2.03 2.70 0.00
CA VAL A 167 -1.14 3.84 0.25
C VAL A 167 -1.80 4.99 0.97
N ILE A 168 -2.97 5.39 0.44
CA ILE A 168 -3.70 6.52 0.99
C ILE A 168 -4.14 6.22 2.40
N ALA A 169 -4.63 5.03 2.68
CA ALA A 169 -5.05 4.64 4.07
C ALA A 169 -3.88 4.61 5.04
N TYR A 170 -2.72 4.12 4.53
CA TYR A 170 -1.49 4.06 5.32
C TYR A 170 -1.11 5.49 5.79
N GLU A 171 -1.17 6.43 4.86
CA GLU A 171 -0.83 7.82 5.18
C GLU A 171 -1.86 8.43 6.12
N VAL A 172 -3.13 8.03 6.01
CA VAL A 172 -4.13 8.50 6.99
C VAL A 172 -3.84 7.96 8.39
N ARG A 173 -3.40 6.71 8.51
CA ARG A 173 -3.02 6.23 9.85
C ARG A 173 -1.77 6.91 10.35
N MET A 174 -0.77 7.11 9.47
CA MET A 174 0.43 7.83 9.90
C MET A 174 0.11 9.20 10.41
N ALA A 175 -0.77 9.92 9.72
CA ALA A 175 -1.18 11.26 10.19
C ALA A 175 -1.88 11.13 11.53
N TRP A 176 -2.73 10.14 11.67
CA TRP A 176 -3.37 9.94 12.97
C TRP A 176 -2.38 9.67 14.09
N LEU A 177 -1.44 8.82 13.81
CA LEU A 177 -0.44 8.45 14.80
C LEU A 177 0.34 9.64 15.27
N ALA A 178 0.60 10.59 14.37
CA ALA A 178 1.32 11.82 14.75
C ALA A 178 0.57 12.63 15.83
N THR A 179 -0.75 12.61 15.76
CA THR A 179 -1.55 13.34 16.74
C THR A 179 -1.49 12.69 18.12
N GLN A 180 -0.92 11.50 18.21
CA GLN A 180 -0.91 10.71 19.45
C GLN A 180 0.39 10.89 20.23
N ASP B 12 11.81 7.37 -14.04
CA ASP B 12 12.93 6.49 -14.17
C ASP B 12 14.21 7.08 -13.66
N PRO B 13 14.19 8.36 -13.31
CA PRO B 13 15.34 8.98 -12.65
C PRO B 13 15.78 8.37 -11.32
N ALA B 14 14.94 7.53 -10.71
CA ALA B 14 15.24 6.85 -9.44
C ALA B 14 15.96 5.54 -9.65
N LEU B 15 16.03 5.11 -10.88
CA LEU B 15 16.40 3.72 -11.19
C LEU B 15 17.75 3.37 -10.61
N ARG B 16 18.73 4.24 -10.80
CA ARG B 16 20.07 3.95 -10.27
C ARG B 16 20.20 4.06 -8.75
N ALA B 17 19.54 5.03 -8.10
CA ALA B 17 19.55 5.09 -6.62
C ALA B 17 18.82 3.92 -5.91
N LEU B 18 17.88 3.29 -6.61
CA LEU B 18 17.03 2.23 -6.05
C LEU B 18 17.36 0.83 -6.59
N GLN B 19 18.28 0.71 -7.55
CA GLN B 19 18.58 -0.62 -8.06
C GLN B 19 19.26 -1.52 -7.05
N ASN B 20 19.94 -0.93 -6.08
CA ASN B 20 20.62 -1.67 -4.98
C ASN B 20 19.63 -2.19 -3.90
N ILE B 21 18.34 -1.80 -3.98
CA ILE B 21 17.41 -2.31 -3.01
C ILE B 21 16.74 -3.59 -3.54
N ARG B 22 17.05 -4.73 -2.90
CA ARG B 22 16.47 -6.02 -3.15
C ARG B 22 15.16 -6.19 -2.37
N ILE B 23 14.11 -6.57 -3.09
CA ILE B 23 12.90 -7.05 -2.49
C ILE B 23 12.99 -8.57 -2.52
N VAL B 24 12.92 -9.17 -1.33
CA VAL B 24 13.21 -10.57 -1.12
C VAL B 24 11.93 -11.19 -0.56
N LEU B 25 11.34 -12.12 -1.31
CA LEU B 25 10.13 -12.83 -0.86
C LEU B 25 10.51 -14.24 -0.45
N VAL B 26 10.10 -14.65 0.71
CA VAL B 26 10.45 -15.95 1.24
C VAL B 26 9.27 -16.89 1.08
N GLU B 27 9.45 -17.98 0.31
CA GLU B 27 8.49 -19.09 0.17
C GLU B 27 7.07 -18.58 -0.13
N THR B 28 7.00 -17.76 -1.16
CA THR B 28 5.70 -17.28 -1.62
C THR B 28 4.94 -18.48 -2.19
N SER B 29 3.70 -18.56 -1.76
CA SER B 29 2.84 -19.71 -2.07
C SER B 29 1.76 -19.39 -3.12
N HIS B 30 1.58 -18.12 -3.50
CA HIS B 30 0.52 -17.77 -4.45
C HIS B 30 1.13 -16.98 -5.59
N THR B 31 1.16 -17.58 -6.79
CA THR B 31 1.84 -16.97 -7.92
C THR B 31 1.23 -15.59 -8.29
N GLY B 32 -0.05 -15.39 -7.99
CA GLY B 32 -0.66 -14.09 -8.19
C GLY B 32 -0.05 -12.99 -7.35
N ASN B 33 0.34 -13.35 -6.12
CA ASN B 33 1.06 -12.40 -5.22
C ASN B 33 2.39 -12.02 -5.79
N MET B 34 3.02 -12.97 -6.48
CA MET B 34 4.30 -12.73 -7.07
C MET B 34 4.07 -11.59 -8.07
N GLY B 35 3.01 -11.70 -8.88
CA GLY B 35 2.68 -10.70 -9.87
C GLY B 35 2.40 -9.35 -9.24
N SER B 36 1.53 -9.34 -8.22
CA SER B 36 1.13 -8.07 -7.62
C SER B 36 2.31 -7.38 -6.98
N VAL B 37 3.23 -8.16 -6.40
CA VAL B 37 4.44 -7.61 -5.83
C VAL B 37 5.30 -6.91 -6.89
N ALA B 38 5.46 -7.58 -8.03
CA ALA B 38 6.18 -7.04 -9.14
C ALA B 38 5.61 -5.72 -9.61
N ARG B 39 4.29 -5.64 -9.64
CA ARG B 39 3.62 -4.40 -10.05
C ARG B 39 3.85 -3.30 -9.03
N ALA B 40 3.68 -3.63 -7.75
CA ALA B 40 3.86 -2.67 -6.63
C ALA B 40 5.25 -2.08 -6.68
N MET B 41 6.26 -2.94 -6.73
CA MET B 41 7.64 -2.57 -6.93
C MET B 41 7.88 -1.64 -8.05
N LYS B 42 7.47 -2.05 -9.24
CA LYS B 42 7.75 -1.29 -10.41
C LYS B 42 7.09 0.10 -10.35
N THR B 43 5.88 0.23 -9.80
CA THR B 43 5.30 1.55 -9.76
C THR B 43 6.11 2.50 -8.87
N MET B 44 6.94 1.95 -7.97
CA MET B 44 7.75 2.78 -7.09
C MET B 44 9.20 2.90 -7.50
N GLY B 45 9.51 2.22 -8.61
CA GLY B 45 10.86 2.27 -9.19
C GLY B 45 11.79 1.14 -8.79
N LEU B 46 11.26 0.18 -8.03
CA LEU B 46 12.08 -0.92 -7.58
C LEU B 46 11.96 -2.01 -8.65
N THR B 47 13.08 -2.64 -8.97
CA THR B 47 13.18 -3.57 -10.06
C THR B 47 13.89 -4.89 -9.69
N ASN B 48 14.41 -5.00 -8.47
CA ASN B 48 15.43 -5.99 -8.08
C ASN B 48 14.73 -7.01 -7.15
N LEU B 49 14.19 -8.07 -7.74
CA LEU B 49 13.37 -9.04 -7.03
C LEU B 49 14.15 -10.33 -6.79
N TRP B 50 13.98 -10.92 -5.62
CA TRP B 50 14.66 -12.15 -5.21
C TRP B 50 13.58 -12.98 -4.60
N LEU B 51 13.50 -14.23 -5.09
CA LEU B 51 12.53 -15.21 -4.60
C LEU B 51 13.32 -16.33 -3.94
N VAL B 52 13.07 -16.52 -2.66
CA VAL B 52 13.67 -17.54 -1.84
C VAL B 52 12.73 -18.71 -1.75
N ASN B 53 13.14 -19.77 -2.41
CA ASN B 53 12.37 -20.97 -2.46
C ASN B 53 10.90 -20.82 -2.65
N PRO B 54 10.55 -20.20 -3.75
CA PRO B 54 9.14 -20.05 -4.03
C PRO B 54 8.46 -21.42 -4.18
N LEU B 55 7.21 -21.52 -3.75
CA LEU B 55 6.57 -22.86 -3.66
C LEU B 55 6.57 -23.48 -5.06
N VAL B 56 6.14 -22.68 -6.02
CA VAL B 56 6.34 -22.96 -7.43
C VAL B 56 6.98 -21.72 -8.08
N LYS B 57 7.84 -22.01 -9.05
CA LYS B 57 8.38 -20.99 -9.94
C LYS B 57 7.29 -20.09 -10.49
N PRO B 58 7.66 -18.83 -10.83
CA PRO B 58 6.79 -17.91 -11.57
C PRO B 58 6.15 -18.55 -12.82
N ASP B 59 4.83 -18.43 -12.90
CA ASP B 59 4.07 -18.79 -14.11
C ASP B 59 3.34 -17.58 -14.69
N ALA B 67 1.45 -8.26 -15.30
CA ALA B 67 1.06 -7.36 -16.40
C ALA B 67 2.28 -6.60 -17.00
N GLY B 68 2.25 -5.28 -16.89
CA GLY B 68 3.34 -4.39 -17.38
C GLY B 68 4.64 -4.48 -16.58
N ALA B 69 4.66 -5.29 -15.52
CA ALA B 69 5.88 -5.46 -14.74
C ALA B 69 6.41 -6.88 -14.89
N SER B 70 6.01 -7.53 -15.99
CA SER B 70 6.52 -8.88 -16.25
C SER B 70 8.05 -8.94 -16.27
N ASP B 71 8.70 -7.85 -16.62
CA ASP B 71 10.13 -7.80 -16.64
C ASP B 71 10.77 -8.02 -15.27
N VAL B 72 10.11 -7.51 -14.24
CA VAL B 72 10.59 -7.70 -12.88
C VAL B 72 10.52 -9.17 -12.50
N ILE B 73 9.53 -9.90 -13.00
CA ILE B 73 9.44 -11.32 -12.75
C ILE B 73 10.46 -12.09 -13.57
N GLY B 74 10.61 -11.72 -14.83
CA GLY B 74 11.54 -12.45 -15.76
C GLY B 74 12.97 -12.32 -15.27
N ASN B 75 13.29 -11.18 -14.67
CA ASN B 75 14.64 -10.92 -14.23
C ASN B 75 14.90 -11.27 -12.77
N ALA B 76 13.93 -11.91 -12.13
CA ALA B 76 14.04 -12.22 -10.70
C ALA B 76 15.19 -13.18 -10.45
N HIS B 77 15.75 -13.09 -9.25
CA HIS B 77 16.85 -13.96 -8.78
C HIS B 77 16.22 -15.03 -7.95
N ILE B 78 16.18 -16.26 -8.47
CA ILE B 78 15.58 -17.37 -7.75
C ILE B 78 16.63 -18.20 -7.02
N VAL B 79 16.59 -18.19 -5.68
CA VAL B 79 17.59 -18.84 -4.85
C VAL B 79 17.03 -19.78 -3.83
N ASP B 80 17.81 -20.77 -3.41
CA ASP B 80 17.27 -21.81 -2.53
C ASP B 80 17.38 -21.39 -1.06
N THR B 81 18.29 -20.47 -0.70
CA THR B 81 18.46 -20.04 0.70
C THR B 81 18.28 -18.54 0.84
N LEU B 82 17.82 -18.10 2.02
CA LEU B 82 17.82 -16.68 2.34
C LEU B 82 19.19 -16.03 2.38
N ASP B 83 20.20 -16.78 2.89
CA ASP B 83 21.56 -16.30 2.88
C ASP B 83 22.03 -15.80 1.53
N GLU B 84 21.69 -16.50 0.45
CA GLU B 84 22.08 -16.09 -0.90
C GLU B 84 21.49 -14.73 -1.27
N ALA B 85 20.23 -14.54 -0.88
CA ALA B 85 19.54 -13.30 -1.19
C ALA B 85 20.08 -12.16 -0.35
N LEU B 86 20.74 -12.49 0.77
CA LEU B 86 21.27 -11.45 1.66
C LEU B 86 22.75 -11.14 1.41
N ALA B 87 23.40 -12.00 0.61
CA ALA B 87 24.85 -11.90 0.44
C ALA B 87 25.24 -10.58 -0.19
N GLY B 88 26.20 -9.87 0.41
CA GLY B 88 26.62 -8.55 -0.08
C GLY B 88 25.91 -7.36 0.54
N CYS B 89 24.83 -7.64 1.23
CA CYS B 89 24.02 -6.54 1.72
C CYS B 89 24.57 -6.04 3.01
N SER B 90 24.65 -4.72 3.11
CA SER B 90 25.16 -4.09 4.30
C SER B 90 24.02 -3.81 5.29
N LEU B 91 22.81 -3.80 4.77
CA LEU B 91 21.59 -3.54 5.56
C LEU B 91 20.53 -4.53 5.09
N VAL B 92 19.97 -5.24 6.06
CA VAL B 92 18.90 -6.21 5.85
C VAL B 92 17.78 -5.86 6.86
N VAL B 93 16.59 -5.69 6.31
CA VAL B 93 15.39 -5.32 7.11
C VAL B 93 14.33 -6.34 6.80
N GLY B 94 13.78 -6.97 7.83
CA GLY B 94 12.71 -7.95 7.57
C GLY B 94 11.40 -7.50 8.18
N THR B 95 10.30 -7.85 7.53
CA THR B 95 8.99 -7.53 8.11
C THR B 95 8.59 -8.40 9.29
N SER B 96 8.33 -7.77 10.44
CA SER B 96 7.80 -8.42 11.63
C SER B 96 7.25 -7.39 12.58
N ALA B 97 6.29 -7.83 13.35
CA ALA B 97 5.91 -7.08 14.54
C ALA B 97 7.03 -7.03 15.52
N ARG B 98 6.97 -6.11 16.48
CA ARG B 98 7.85 -6.15 17.62
C ARG B 98 7.59 -7.38 18.46
N SER B 99 8.64 -7.91 19.07
CA SER B 99 8.53 -9.06 19.90
C SER B 99 9.04 -8.74 21.31
N ARG B 100 8.29 -9.20 22.32
CA ARG B 100 8.70 -9.03 23.74
C ARG B 100 9.82 -10.01 24.11
N THR B 101 9.75 -11.22 23.55
CA THR B 101 10.69 -12.32 23.90
C THR B 101 11.91 -12.52 22.97
N LEU B 102 11.79 -12.08 21.72
CA LEU B 102 12.93 -12.08 20.77
C LEU B 102 13.09 -10.65 20.30
N PRO B 103 13.45 -9.77 21.23
CA PRO B 103 13.44 -8.37 20.91
C PRO B 103 14.50 -8.02 19.91
N TRP B 104 14.11 -7.18 18.97
CA TRP B 104 14.89 -6.82 17.86
C TRP B 104 14.80 -5.32 17.66
N PRO B 105 15.83 -4.68 17.11
CA PRO B 105 15.71 -3.25 16.83
C PRO B 105 14.67 -2.99 15.74
N MET B 106 13.77 -2.06 15.99
CA MET B 106 12.57 -1.84 15.16
C MET B 106 12.62 -0.53 14.40
N LEU B 107 12.16 -0.61 13.17
CA LEU B 107 11.93 0.50 12.26
C LEU B 107 10.44 0.52 11.90
N ASP B 108 9.89 1.70 11.55
CA ASP B 108 8.69 1.76 10.83
C ASP B 108 8.97 1.92 9.34
N PRO B 109 7.95 1.84 8.49
CA PRO B 109 8.19 1.95 7.03
C PRO B 109 8.91 3.23 6.63
N ARG B 110 8.64 4.34 7.31
CA ARG B 110 9.17 5.65 6.90
C ARG B 110 10.66 5.68 7.20
N GLU B 111 11.03 5.33 8.43
CA GLU B 111 12.47 5.22 8.77
C GLU B 111 13.17 4.14 7.93
N CYS B 112 12.51 3.03 7.64
CA CYS B 112 13.08 2.00 6.79
C CYS B 112 13.41 2.60 5.42
N GLY B 113 12.49 3.35 4.85
CA GLY B 113 12.74 3.98 3.59
C GLY B 113 13.87 4.96 3.58
N LEU B 114 13.99 5.78 4.63
CA LEU B 114 15.12 6.67 4.74
C LEU B 114 16.43 5.92 4.82
N LYS B 115 16.54 4.97 5.75
CA LYS B 115 17.78 4.21 5.90
C LYS B 115 18.10 3.40 4.64
N SER B 116 17.12 2.75 4.02
CA SER B 116 17.37 2.03 2.82
C SER B 116 17.93 2.87 1.67
N VAL B 117 17.33 4.01 1.40
CA VAL B 117 17.77 4.88 0.31
C VAL B 117 19.17 5.41 0.64
N ALA B 118 19.41 5.77 1.90
CA ALA B 118 20.80 6.23 2.25
C ALA B 118 21.85 5.17 2.01
N GLU B 119 21.56 3.93 2.36
CA GLU B 119 22.55 2.86 2.30
C GLU B 119 22.73 2.39 0.87
N ALA B 120 21.64 2.38 0.13
CA ALA B 120 21.56 1.91 -1.26
C ALA B 120 22.32 2.80 -2.25
N ALA B 121 22.63 4.02 -1.87
CA ALA B 121 23.39 4.82 -2.80
C ALA B 121 24.74 4.12 -3.00
N ASN B 122 25.18 3.38 -1.99
CA ASN B 122 26.55 2.83 -1.95
C ASN B 122 26.64 1.31 -1.95
N THR B 123 25.72 0.61 -1.28
CA THR B 123 25.83 -0.88 -1.17
C THR B 123 24.47 -1.55 -1.30
N PRO B 124 24.40 -2.86 -1.59
CA PRO B 124 23.10 -3.52 -1.64
C PRO B 124 22.39 -3.49 -0.28
N VAL B 125 21.06 -3.39 -0.35
CA VAL B 125 20.16 -3.50 0.80
C VAL B 125 19.13 -4.57 0.51
N ALA B 126 18.69 -5.31 1.53
CA ALA B 126 17.63 -6.36 1.38
C ALA B 126 16.46 -6.06 2.31
N LEU B 127 15.26 -6.02 1.69
CA LEU B 127 14.02 -5.81 2.42
C LEU B 127 13.30 -7.13 2.22
N VAL B 128 13.08 -7.82 3.33
CA VAL B 128 12.68 -9.22 3.35
C VAL B 128 11.26 -9.38 3.84
N PHE B 129 10.43 -10.09 3.04
CA PHE B 129 9.00 -10.30 3.33
C PHE B 129 8.76 -11.81 3.47
N GLY B 130 8.02 -12.24 4.47
CA GLY B 130 7.81 -13.67 4.68
C GLY B 130 6.60 -14.19 3.97
N ARG B 131 6.18 -15.31 4.45
CA ARG B 131 5.16 -16.13 3.81
C ARG B 131 3.82 -15.51 3.99
N GLU B 132 2.90 -15.79 3.09
CA GLU B 132 1.55 -15.36 3.32
C GLU B 132 1.04 -15.85 4.66
N ARG B 133 0.37 -14.96 5.34
CA ARG B 133 -0.27 -15.25 6.62
C ARG B 133 0.66 -15.33 7.81
N VAL B 134 1.73 -16.10 7.66
CA VAL B 134 2.59 -16.48 8.81
C VAL B 134 3.96 -15.80 8.90
N GLY B 135 4.37 -15.13 7.82
CA GLY B 135 5.63 -14.37 7.78
C GLY B 135 6.92 -15.21 7.85
N LEU B 136 7.88 -14.72 8.61
CA LEU B 136 9.22 -15.21 8.66
C LEU B 136 9.43 -16.02 9.96
N THR B 137 10.31 -17.01 9.88
CA THR B 137 10.68 -17.77 11.04
C THR B 137 11.59 -16.96 11.91
N ASN B 138 11.72 -17.32 13.19
CA ASN B 138 12.67 -16.58 14.01
C ASN B 138 14.11 -16.72 13.50
N GLU B 139 14.48 -17.88 12.96
N GLU B 139 14.52 -17.80 13.01
CA GLU B 139 15.81 -18.01 12.43
CA GLU B 139 15.85 -17.94 12.47
C GLU B 139 16.03 -17.10 11.23
C GLU B 139 16.07 -17.02 11.28
N GLU B 140 15.02 -16.91 10.40
CA GLU B 140 15.11 -15.97 9.29
C GLU B 140 15.23 -14.52 9.79
N LEU B 141 14.38 -14.21 10.75
CA LEU B 141 14.39 -12.88 11.36
C LEU B 141 15.71 -12.53 11.99
N GLN B 142 16.45 -13.51 12.53
CA GLN B 142 17.75 -13.27 13.16
C GLN B 142 18.88 -12.96 12.15
N LYS B 143 18.56 -13.10 10.88
CA LYS B 143 19.50 -12.73 9.83
C LYS B 143 19.36 -11.25 9.41
N CYS B 144 18.38 -10.55 9.98
CA CYS B 144 18.14 -9.18 9.62
C CYS B 144 18.78 -8.22 10.65
N HIS B 145 19.25 -7.08 10.21
CA HIS B 145 19.71 -6.01 11.12
C HIS B 145 18.56 -5.37 11.86
N TYR B 146 17.44 -5.15 11.17
CA TYR B 146 16.28 -4.46 11.76
C TYR B 146 15.04 -5.24 11.36
N HIS B 147 13.98 -5.12 12.15
CA HIS B 147 12.63 -5.48 11.71
C HIS B 147 11.80 -4.27 11.44
N VAL B 148 10.98 -4.37 10.42
CA VAL B 148 10.09 -3.29 10.09
C VAL B 148 8.66 -3.70 10.41
N ALA B 149 8.03 -2.92 11.28
CA ALA B 149 6.63 -3.10 11.66
C ALA B 149 5.82 -2.00 11.04
N ILE B 150 4.81 -2.41 10.28
CA ILE B 150 3.83 -1.48 9.69
C ILE B 150 2.75 -1.16 10.72
N ALA B 151 2.70 0.06 11.26
CA ALA B 151 1.73 0.32 12.35
C ALA B 151 0.33 0.17 11.80
N ALA B 152 -0.49 -0.58 12.51
CA ALA B 152 -1.77 -1.01 12.01
C ALA B 152 -2.79 -1.09 13.16
N ASN B 153 -4.05 -1.23 12.76
CA ASN B 153 -5.16 -1.49 13.64
C ASN B 153 -4.88 -2.72 14.52
N PRO B 154 -4.87 -2.57 15.83
CA PRO B 154 -4.54 -3.73 16.66
C PRO B 154 -5.58 -4.84 16.56
N GLU B 155 -6.83 -4.50 16.20
CA GLU B 155 -7.90 -5.50 15.93
C GLU B 155 -7.63 -6.35 14.67
N TYR B 156 -6.81 -5.85 13.76
CA TYR B 156 -6.62 -6.49 12.49
C TYR B 156 -5.37 -5.93 11.83
N SER B 157 -4.23 -6.54 12.14
CA SER B 157 -2.93 -5.92 11.87
C SER B 157 -2.15 -6.50 10.69
N SER B 158 -2.67 -7.54 10.05
CA SER B 158 -1.88 -8.26 9.05
C SER B 158 -2.24 -7.87 7.63
N LEU B 159 -1.31 -7.21 6.94
CA LEU B 159 -1.52 -6.81 5.57
C LEU B 159 -1.29 -7.97 4.60
N ASN B 160 -1.91 -7.94 3.43
CA ASN B 160 -1.62 -8.91 2.36
C ASN B 160 -0.13 -8.70 2.02
N LEU B 161 0.56 -9.75 1.65
CA LEU B 161 1.96 -9.65 1.24
C LEU B 161 2.21 -8.52 0.24
N ALA B 162 1.41 -8.45 -0.82
CA ALA B 162 1.62 -7.47 -1.85
C ALA B 162 1.33 -6.03 -1.29
N MET B 163 0.41 -5.96 -0.36
CA MET B 163 0.19 -4.69 0.21
CA MET B 163 0.17 -4.69 0.19
C MET B 163 1.25 -4.17 1.15
N ALA B 164 1.85 -5.10 1.87
CA ALA B 164 2.99 -4.80 2.70
C ALA B 164 4.14 -4.29 1.80
N VAL B 165 4.44 -5.02 0.73
CA VAL B 165 5.45 -4.56 -0.23
C VAL B 165 5.10 -3.15 -0.74
N GLN B 166 3.85 -2.92 -1.11
CA GLN B 166 3.44 -1.64 -1.64
C GLN B 166 3.75 -0.51 -0.65
N VAL B 167 3.42 -0.72 0.61
CA VAL B 167 3.70 0.31 1.63
C VAL B 167 5.19 0.57 1.74
N ILE B 168 5.97 -0.49 1.91
CA ILE B 168 7.41 -0.34 2.08
C ILE B 168 8.07 0.29 0.87
N ALA B 169 7.65 -0.16 -0.34
CA ALA B 169 8.16 0.42 -1.59
C ALA B 169 7.78 1.92 -1.74
N TYR B 170 6.57 2.28 -1.30
CA TYR B 170 6.11 3.66 -1.35
C TYR B 170 6.99 4.53 -0.47
N GLU B 171 7.31 4.05 0.74
CA GLU B 171 8.20 4.82 1.62
C GLU B 171 9.63 4.94 1.06
N VAL B 172 10.08 3.90 0.40
CA VAL B 172 11.37 3.97 -0.31
C VAL B 172 11.36 5.05 -1.41
N ARG B 173 10.27 5.18 -2.15
CA ARG B 173 10.25 6.23 -3.18
C ARG B 173 10.13 7.62 -2.53
N MET B 174 9.34 7.72 -1.49
CA MET B 174 9.25 8.99 -0.78
C MET B 174 10.59 9.39 -0.24
N ALA B 175 11.37 8.49 0.27
CA ALA B 175 12.72 8.82 0.77
C ALA B 175 13.62 9.20 -0.41
N TRP B 176 13.50 8.52 -1.51
CA TRP B 176 14.28 8.90 -2.69
C TRP B 176 13.88 10.27 -3.21
N LEU B 177 12.58 10.54 -3.26
CA LEU B 177 12.13 11.82 -3.77
C LEU B 177 12.68 12.98 -2.96
N ALA B 178 12.89 12.81 -1.65
CA ALA B 178 13.39 13.83 -0.74
C ALA B 178 14.85 14.17 -1.03
N THR B 179 15.53 13.28 -1.74
CA THR B 179 16.89 13.58 -2.20
C THR B 179 16.89 14.42 -3.50
N GLN B 180 15.72 14.89 -3.94
CA GLN B 180 15.63 15.64 -5.21
C GLN B 180 15.14 17.07 -4.98
#